data_3KVU
#
_entry.id   3KVU
#
_cell.length_a   44.980
_cell.length_b   55.970
_cell.length_c   96.410
_cell.angle_alpha   90.00
_cell.angle_beta   96.87
_cell.angle_gamma   90.00
#
_symmetry.space_group_name_H-M   'P 1 21 1'
#
loop_
_entity.id
_entity.type
_entity.pdbx_description
1 polymer 'Fluoroacetyl-CoA thioesterase FlK'
2 non-polymer 'ACETYL COENZYME *A'
3 water water
#
_entity_poly.entity_id   1
_entity_poly.type   'polypeptide(L)'
_entity_poly.pdbx_seq_one_letter_code
;MKDGMRVGERFTHDFVVPPHKTVRHLYPESPEFAEFPEVFASGFMVGLMEWACVRAMAPYLEPGEGSLGTAICVTHTAAT
PPGLTVTVTAELRSVEGRRLSWRVSAHDGVDEIGSGTHERAVIHLEKFNAKVRQKTPAG
;
_entity_poly.pdbx_strand_id   A,B,C,D
#
loop_
_chem_comp.id
_chem_comp.type
_chem_comp.name
_chem_comp.formula
ACO non-polymer 'ACETYL COENZYME *A' 'C23 H38 N7 O17 P3 S'
#
# COMPACT_ATOMS: atom_id res chain seq x y z
N MET A 5 14.52 -24.36 -25.77
CA MET A 5 14.27 -22.87 -25.76
C MET A 5 15.14 -22.23 -26.80
N ARG A 6 14.62 -21.22 -27.48
CA ARG A 6 15.40 -20.47 -28.46
C ARG A 6 15.57 -19.09 -27.89
N VAL A 7 16.58 -18.42 -28.38
CA VAL A 7 16.92 -17.19 -27.81
C VAL A 7 15.73 -16.26 -28.14
N GLY A 8 15.44 -15.29 -27.30
CA GLY A 8 14.39 -14.32 -27.57
C GLY A 8 13.12 -14.63 -26.75
N GLU A 9 12.98 -15.86 -26.25
CA GLU A 9 11.83 -16.13 -25.30
C GLU A 9 11.65 -15.06 -24.22
N ARG A 10 10.56 -14.32 -24.29
CA ARG A 10 10.37 -13.28 -23.30
C ARG A 10 9.12 -13.64 -22.53
N PHE A 11 9.22 -13.60 -21.21
CA PHE A 11 8.04 -13.88 -20.34
C PHE A 11 7.66 -12.52 -19.79
N THR A 12 6.61 -12.40 -19.05
CA THR A 12 6.38 -11.16 -18.43
C THR A 12 5.54 -11.46 -17.21
N HIS A 13 6.13 -11.20 -16.10
CA HIS A 13 5.65 -11.71 -14.90
C HIS A 13 5.34 -10.54 -13.93
N ASP A 14 4.28 -10.70 -13.16
CA ASP A 14 3.57 -9.59 -12.57
C ASP A 14 3.32 -9.98 -11.11
N PHE A 15 3.66 -9.10 -10.18
CA PHE A 15 3.52 -9.40 -8.77
C PHE A 15 3.12 -8.16 -7.90
N VAL A 16 2.07 -8.29 -7.11
CA VAL A 16 1.57 -7.25 -6.24
C VAL A 16 2.37 -7.43 -4.98
N VAL A 17 3.20 -6.45 -4.65
CA VAL A 17 4.13 -6.58 -3.52
C VAL A 17 3.36 -6.52 -2.24
N PRO A 18 3.38 -7.57 -1.44
CA PRO A 18 2.66 -7.49 -0.21
C PRO A 18 3.63 -7.03 0.88
N PRO A 19 3.12 -6.68 2.07
CA PRO A 19 3.93 -6.21 3.19
C PRO A 19 4.85 -7.26 3.81
N HIS A 20 4.63 -8.55 3.54
CA HIS A 20 5.57 -9.57 4.01
C HIS A 20 6.78 -9.80 3.10
N LYS A 21 6.97 -8.97 2.08
CA LYS A 21 8.14 -9.03 1.16
C LYS A 21 9.18 -7.88 1.26
N THR A 22 9.22 -7.25 2.43
CA THR A 22 10.10 -6.16 2.73
C THR A 22 11.26 -6.70 3.46
N VAL A 23 12.36 -5.97 3.38
CA VAL A 23 13.65 -6.28 3.99
C VAL A 23 13.60 -7.06 5.30
N ARG A 24 12.80 -6.67 6.23
CA ARG A 24 12.75 -7.36 7.51
C ARG A 24 12.16 -8.76 7.48
N HIS A 25 11.45 -9.11 6.42
CA HIS A 25 10.88 -10.44 6.32
C HIS A 25 11.84 -11.43 5.63
N LEU A 26 12.84 -10.91 4.92
CA LEU A 26 13.86 -11.75 4.31
C LEU A 26 14.64 -12.39 5.43
N TYR A 27 15.04 -11.58 6.39
CA TYR A 27 15.72 -12.14 7.53
C TYR A 27 15.16 -11.64 8.82
N PRO A 28 14.07 -12.27 9.28
CA PRO A 28 13.51 -11.97 10.62
C PRO A 28 14.54 -12.04 11.79
N GLU A 29 15.63 -12.81 11.55
CA GLU A 29 16.78 -13.05 12.48
C GLU A 29 17.66 -11.83 12.68
N SER A 30 17.72 -10.95 11.69
CA SER A 30 18.60 -9.83 11.71
C SER A 30 18.02 -8.58 12.40
N PRO A 31 18.71 -8.13 13.45
CA PRO A 31 18.24 -6.90 14.15
C PRO A 31 18.54 -5.68 13.29
N GLU A 32 19.63 -5.73 12.55
CA GLU A 32 19.95 -4.72 11.59
C GLU A 32 18.86 -4.55 10.56
N PHE A 33 18.39 -5.67 9.98
CA PHE A 33 17.29 -5.54 9.00
C PHE A 33 16.01 -5.14 9.66
N ALA A 34 15.84 -5.46 10.95
CA ALA A 34 14.58 -5.16 11.66
C ALA A 34 14.11 -3.68 11.65
N GLU A 35 15.03 -2.77 11.40
CA GLU A 35 14.73 -1.38 11.56
C GLU A 35 14.94 -0.67 10.21
N PHE A 36 14.97 -1.44 9.13
CA PHE A 36 15.06 -0.95 7.75
C PHE A 36 13.71 -0.34 7.32
N PRO A 37 13.68 0.53 6.29
CA PRO A 37 12.41 0.97 5.68
C PRO A 37 11.62 -0.24 5.19
N GLU A 38 10.28 -0.19 5.28
CA GLU A 38 9.47 -1.20 4.62
C GLU A 38 9.41 -1.02 3.09
N VAL A 39 10.47 -1.50 2.43
CA VAL A 39 10.52 -1.60 0.99
C VAL A 39 10.88 -3.05 0.64
N PHE A 40 10.55 -3.42 -0.61
CA PHE A 40 10.89 -4.66 -1.30
C PHE A 40 12.40 -4.99 -1.23
N ALA A 41 12.72 -6.08 -0.54
CA ALA A 41 14.11 -6.46 -0.37
C ALA A 41 14.85 -6.84 -1.71
N SER A 42 16.16 -6.62 -1.83
CA SER A 42 16.89 -7.12 -3.02
C SER A 42 16.78 -8.64 -3.23
N GLY A 43 16.70 -9.39 -2.14
CA GLY A 43 16.59 -10.82 -2.21
C GLY A 43 15.25 -11.31 -2.73
N PHE A 44 14.16 -10.73 -2.20
CA PHE A 44 12.82 -10.94 -2.72
C PHE A 44 12.69 -10.54 -4.19
N MET A 45 13.40 -9.50 -4.59
CA MET A 45 13.45 -9.10 -5.98
C MET A 45 14.15 -10.08 -6.85
N VAL A 46 15.40 -10.43 -6.48
CA VAL A 46 16.08 -11.58 -7.05
C VAL A 46 15.15 -12.81 -7.23
N GLY A 47 14.38 -13.19 -6.20
CA GLY A 47 13.55 -14.35 -6.23
C GLY A 47 12.39 -14.26 -7.22
N LEU A 48 11.98 -13.00 -7.49
CA LEU A 48 10.98 -12.67 -8.49
C LEU A 48 11.52 -12.71 -9.87
N MET A 49 12.68 -12.12 -10.08
CA MET A 49 13.34 -12.20 -11.35
C MET A 49 13.56 -13.66 -11.73
N GLU A 50 14.27 -14.43 -10.91
CA GLU A 50 14.28 -15.92 -11.01
C GLU A 50 12.94 -16.63 -11.31
N TRP A 51 11.90 -16.31 -10.52
CA TRP A 51 10.59 -16.90 -10.64
C TRP A 51 10.08 -16.73 -12.03
N ALA A 52 10.47 -15.64 -12.70
CA ALA A 52 9.99 -15.36 -14.02
C ALA A 52 10.66 -16.20 -15.08
N CYS A 53 11.99 -16.37 -14.97
CA CYS A 53 12.77 -17.23 -15.88
C CYS A 53 12.34 -18.71 -15.76
N VAL A 54 12.12 -19.19 -14.53
CA VAL A 54 11.45 -20.47 -14.26
C VAL A 54 10.06 -20.69 -14.96
N ARG A 55 9.00 -19.95 -14.55
CA ARG A 55 7.70 -19.85 -15.27
C ARG A 55 7.95 -20.03 -16.77
N ALA A 56 8.87 -19.23 -17.30
CA ALA A 56 9.21 -19.22 -18.72
C ALA A 56 9.87 -20.47 -19.33
N MET A 57 10.60 -21.25 -18.52
CA MET A 57 11.20 -22.48 -19.03
C MET A 57 10.28 -23.68 -18.70
N ALA A 58 9.24 -23.49 -17.90
CA ALA A 58 8.32 -24.59 -17.62
C ALA A 58 7.81 -25.37 -18.85
N PRO A 59 7.48 -24.68 -20.01
CA PRO A 59 7.01 -25.46 -21.18
C PRO A 59 8.09 -26.33 -21.69
N TYR A 60 9.34 -25.93 -21.51
CA TYR A 60 10.44 -26.59 -22.19
C TYR A 60 11.24 -27.60 -21.37
N LEU A 61 10.74 -27.94 -20.20
CA LEU A 61 11.42 -28.89 -19.39
C LEU A 61 10.72 -30.25 -19.56
N GLU A 62 11.48 -31.32 -19.82
CA GLU A 62 10.95 -32.69 -19.80
C GLU A 62 10.44 -33.04 -18.43
N PRO A 63 9.46 -33.95 -18.34
CA PRO A 63 9.19 -34.53 -17.04
C PRO A 63 10.51 -35.05 -16.34
N GLY A 64 10.57 -34.84 -15.03
CA GLY A 64 11.79 -35.11 -14.25
C GLY A 64 12.91 -34.10 -14.30
N GLU A 65 12.81 -33.16 -15.22
CA GLU A 65 13.73 -32.06 -15.26
C GLU A 65 13.29 -30.91 -14.34
N GLY A 66 14.29 -30.16 -13.90
CA GLY A 66 14.06 -28.94 -13.14
C GLY A 66 15.20 -28.01 -13.45
N SER A 67 15.32 -26.96 -12.61
CA SER A 67 16.49 -26.06 -12.71
C SER A 67 16.80 -25.29 -11.42
N LEU A 68 18.00 -24.79 -11.39
CA LEU A 68 18.54 -24.01 -10.24
C LEU A 68 19.21 -22.75 -10.81
N GLY A 69 19.13 -21.62 -10.11
CA GLY A 69 19.99 -20.45 -10.47
C GLY A 69 21.44 -20.56 -10.15
N THR A 70 22.30 -20.21 -11.07
CA THR A 70 23.67 -20.45 -10.90
C THR A 70 24.39 -19.13 -10.85
N ALA A 71 23.79 -18.03 -11.36
CA ALA A 71 24.39 -16.68 -11.25
C ALA A 71 23.29 -15.65 -11.23
N ILE A 72 23.45 -14.56 -10.46
CA ILE A 72 22.55 -13.40 -10.51
C ILE A 72 23.36 -12.11 -10.55
N CYS A 73 23.06 -11.19 -11.45
CA CYS A 73 23.88 -9.96 -11.53
C CYS A 73 22.96 -8.81 -11.86
N VAL A 74 22.48 -8.09 -10.85
CA VAL A 74 21.43 -7.10 -11.12
C VAL A 74 21.79 -5.84 -10.35
N THR A 75 21.23 -4.71 -10.82
CA THR A 75 21.15 -3.48 -9.99
C THR A 75 19.80 -3.44 -9.28
N HIS A 76 19.70 -2.66 -8.22
CA HIS A 76 18.48 -2.38 -7.60
C HIS A 76 18.54 -0.80 -7.52
N THR A 77 17.93 -0.15 -8.50
CA THR A 77 18.08 1.29 -8.69
C THR A 77 16.97 2.23 -8.23
N ALA A 78 15.88 1.68 -7.72
CA ALA A 78 14.83 2.45 -7.10
C ALA A 78 14.10 1.50 -6.19
N ALA A 79 13.25 2.03 -5.34
CA ALA A 79 12.78 1.32 -4.22
C ALA A 79 11.23 1.18 -4.17
N THR A 80 10.72 0.10 -3.57
CA THR A 80 9.30 -0.30 -3.83
C THR A 80 8.54 -0.54 -2.54
N PRO A 81 7.61 0.36 -2.19
CA PRO A 81 6.88 0.00 -0.97
C PRO A 81 5.76 -1.08 -1.17
N PRO A 82 5.29 -1.76 -0.11
CA PRO A 82 4.20 -2.68 -0.42
C PRO A 82 2.96 -2.02 -1.01
N GLY A 83 2.31 -2.75 -1.89
CA GLY A 83 1.04 -2.31 -2.41
C GLY A 83 1.15 -2.09 -3.88
N LEU A 84 2.39 -1.80 -4.37
CA LEU A 84 2.70 -1.70 -5.80
C LEU A 84 2.87 -3.05 -6.47
N THR A 85 2.86 -3.02 -7.81
CA THR A 85 2.89 -4.22 -8.63
C THR A 85 4.15 -4.22 -9.43
N VAL A 86 5.00 -5.20 -9.18
CA VAL A 86 6.24 -5.29 -9.90
C VAL A 86 6.15 -6.20 -11.11
N THR A 87 6.61 -5.68 -12.23
CA THR A 87 6.51 -6.43 -13.44
C THR A 87 7.91 -6.84 -13.91
N VAL A 88 8.29 -8.10 -13.67
CA VAL A 88 9.51 -8.58 -14.32
C VAL A 88 9.21 -8.99 -15.72
N THR A 89 10.15 -8.57 -16.55
CA THR A 89 10.35 -9.02 -17.84
C THR A 89 11.67 -9.83 -17.93
N ALA A 90 11.55 -11.19 -17.87
CA ALA A 90 12.65 -12.13 -18.23
C ALA A 90 12.82 -12.30 -19.72
N GLU A 91 14.01 -12.12 -20.24
CA GLU A 91 14.26 -12.43 -21.65
C GLU A 91 15.42 -13.45 -21.82
N LEU A 92 15.29 -14.44 -22.70
CA LEU A 92 16.31 -15.47 -22.78
C LEU A 92 17.39 -15.04 -23.80
N ARG A 93 18.65 -15.00 -23.38
CA ARG A 93 19.72 -14.43 -24.15
C ARG A 93 20.87 -15.36 -24.55
N SER A 94 20.92 -16.56 -23.96
CA SER A 94 21.97 -17.53 -24.33
C SER A 94 21.52 -18.90 -23.88
N VAL A 95 21.77 -19.91 -24.70
CA VAL A 95 21.37 -21.30 -24.39
C VAL A 95 22.48 -22.14 -24.91
N GLU A 96 23.11 -22.86 -23.99
CA GLU A 96 24.28 -23.62 -24.33
C GLU A 96 24.25 -24.76 -23.34
N GLY A 97 23.88 -25.94 -23.86
CA GLY A 97 23.87 -27.14 -23.06
C GLY A 97 22.82 -27.10 -21.97
N ARG A 98 23.25 -27.39 -20.75
CA ARG A 98 22.31 -27.33 -19.66
C ARG A 98 22.11 -25.88 -19.14
N ARG A 99 22.75 -24.91 -19.78
CA ARG A 99 22.88 -23.55 -19.21
C ARG A 99 22.14 -22.49 -20.01
N LEU A 100 21.24 -21.78 -19.34
CA LEU A 100 20.46 -20.73 -19.96
C LEU A 100 20.76 -19.42 -19.22
N SER A 101 20.96 -18.36 -20.00
CA SER A 101 21.23 -17.05 -19.43
C SER A 101 20.16 -16.07 -19.91
N TRP A 102 19.60 -15.31 -18.97
CA TRP A 102 18.30 -14.50 -19.08
C TRP A 102 18.56 -13.09 -18.64
N ARG A 103 17.91 -12.10 -19.27
CA ARG A 103 17.94 -10.73 -18.74
C ARG A 103 16.67 -10.56 -17.97
N VAL A 104 16.81 -9.95 -16.82
CA VAL A 104 15.71 -9.67 -16.04
C VAL A 104 15.73 -8.11 -15.95
N SER A 105 14.54 -7.57 -15.75
CA SER A 105 14.47 -6.18 -15.38
C SER A 105 13.11 -6.00 -14.91
N ALA A 106 12.95 -5.03 -14.06
CA ALA A 106 11.88 -5.06 -13.14
C ALA A 106 11.41 -3.62 -12.99
N HIS A 107 10.08 -3.43 -12.88
CA HIS A 107 9.48 -2.06 -12.91
C HIS A 107 8.32 -2.11 -11.98
N ASP A 108 8.15 -1.11 -11.13
CA ASP A 108 7.03 -1.13 -10.26
C ASP A 108 5.90 -0.20 -10.78
N GLY A 109 5.88 0.10 -12.06
CA GLY A 109 4.80 0.98 -12.57
C GLY A 109 5.11 2.47 -12.41
N VAL A 110 6.19 2.80 -11.68
CA VAL A 110 6.66 4.18 -11.53
C VAL A 110 8.12 4.24 -11.93
N ASP A 111 8.92 3.33 -11.37
CA ASP A 111 10.34 3.33 -11.67
C ASP A 111 10.78 1.97 -12.14
N GLU A 112 11.75 1.96 -13.04
CA GLU A 112 12.54 0.77 -13.32
C GLU A 112 13.36 0.52 -12.04
N ILE A 113 13.19 -0.67 -11.43
CA ILE A 113 13.69 -0.91 -10.05
C ILE A 113 14.98 -1.71 -10.03
N GLY A 114 15.36 -2.29 -11.15
CA GLY A 114 16.55 -3.11 -11.18
C GLY A 114 16.67 -3.89 -12.44
N SER A 115 17.90 -4.02 -12.95
CA SER A 115 18.11 -4.92 -14.07
C SER A 115 19.53 -5.54 -14.22
N GLY A 116 19.67 -6.63 -14.99
CA GLY A 116 20.98 -7.23 -15.37
C GLY A 116 20.71 -8.65 -15.81
N THR A 117 21.51 -9.64 -15.36
CA THR A 117 21.46 -10.98 -16.04
C THR A 117 21.31 -12.03 -15.01
N HIS A 118 20.77 -13.21 -15.39
CA HIS A 118 20.58 -14.34 -14.48
C HIS A 118 20.85 -15.62 -15.25
N GLU A 119 21.51 -16.58 -14.61
CA GLU A 119 21.89 -17.86 -15.25
C GLU A 119 21.19 -18.99 -14.55
N ARG A 120 20.63 -19.94 -15.30
CA ARG A 120 20.09 -21.14 -14.65
C ARG A 120 20.69 -22.42 -15.24
N ALA A 121 20.66 -23.49 -14.46
CA ALA A 121 21.18 -24.77 -14.97
C ALA A 121 20.05 -25.76 -14.99
N VAL A 122 19.85 -26.46 -16.12
CA VAL A 122 18.78 -27.46 -16.13
C VAL A 122 19.29 -28.69 -15.37
N ILE A 123 18.50 -29.23 -14.47
CA ILE A 123 18.94 -30.41 -13.75
C ILE A 123 17.91 -31.56 -13.84
N HIS A 124 18.37 -32.75 -13.45
CA HIS A 124 17.47 -33.87 -13.13
C HIS A 124 17.08 -33.95 -11.66
N LEU A 125 15.81 -33.74 -11.37
CA LEU A 125 15.35 -33.51 -10.01
C LEU A 125 15.56 -34.68 -9.01
N GLU A 126 15.15 -35.89 -9.37
CA GLU A 126 15.30 -37.04 -8.47
C GLU A 126 16.79 -37.27 -8.20
N LYS A 127 17.59 -37.20 -9.23
CA LYS A 127 19.04 -37.34 -9.05
C LYS A 127 19.62 -36.22 -8.16
N PHE A 128 19.33 -34.98 -8.51
CA PHE A 128 19.79 -33.86 -7.71
C PHE A 128 19.27 -33.87 -6.24
N ASN A 129 18.00 -34.23 -6.02
CA ASN A 129 17.52 -34.43 -4.68
C ASN A 129 18.20 -35.51 -3.79
N ALA A 130 18.55 -36.65 -4.35
CA ALA A 130 19.47 -37.59 -3.65
C ALA A 130 20.79 -36.98 -3.22
N LYS A 131 21.48 -36.28 -4.10
CA LYS A 131 22.73 -35.58 -3.75
C LYS A 131 22.58 -34.61 -2.56
N VAL A 132 21.52 -33.81 -2.60
CA VAL A 132 21.21 -32.87 -1.50
C VAL A 132 21.03 -33.67 -0.19
N ARG A 133 20.40 -34.82 -0.33
CA ARG A 133 20.03 -35.58 0.81
C ARG A 133 21.30 -36.10 1.42
N GLN A 134 22.24 -36.43 0.55
CA GLN A 134 23.51 -37.00 1.00
C GLN A 134 24.37 -36.01 1.76
N LYS A 135 24.26 -34.75 1.35
CA LYS A 135 25.01 -33.65 1.86
C LYS A 135 24.40 -33.00 3.08
N THR A 136 23.22 -33.44 3.48
CA THR A 136 22.48 -32.80 4.51
C THR A 136 22.81 -33.51 5.84
N PRO A 137 23.55 -32.80 6.75
CA PRO A 137 24.14 -33.36 8.00
C PRO A 137 23.07 -33.73 8.98
N MET B 5 35.91 3.88 6.55
CA MET B 5 36.25 2.50 6.24
C MET B 5 37.48 2.53 5.39
N ARG B 6 38.14 1.40 5.20
CA ARG B 6 39.34 1.44 4.39
C ARG B 6 39.30 0.38 3.24
N VAL B 7 39.34 0.84 1.97
CA VAL B 7 39.51 -0.09 0.88
C VAL B 7 40.50 -1.15 1.34
N GLY B 8 40.08 -2.40 1.22
CA GLY B 8 40.98 -3.51 1.50
C GLY B 8 40.62 -4.16 2.81
N GLU B 9 39.75 -3.51 3.61
CA GLU B 9 39.27 -4.05 4.91
C GLU B 9 38.51 -5.27 4.68
N ARG B 10 38.80 -6.34 5.40
CA ARG B 10 37.87 -7.54 5.27
C ARG B 10 36.85 -7.61 6.44
N PHE B 11 35.85 -8.45 6.35
CA PHE B 11 34.90 -8.74 7.45
C PHE B 11 34.37 -10.15 7.21
N THR B 12 33.79 -10.79 8.22
CA THR B 12 33.32 -12.19 8.12
C THR B 12 32.10 -12.40 8.97
N HIS B 13 31.19 -13.31 8.58
CA HIS B 13 29.83 -13.49 9.18
C HIS B 13 29.26 -14.90 8.88
N ASP B 14 28.73 -15.56 9.91
CA ASP B 14 28.31 -16.97 9.92
C ASP B 14 26.79 -17.14 10.07
N PHE B 15 26.25 -18.16 9.37
CA PHE B 15 24.83 -18.41 9.47
C PHE B 15 24.52 -19.87 9.28
N VAL B 16 23.96 -20.49 10.31
CA VAL B 16 23.41 -21.82 10.23
C VAL B 16 22.09 -21.81 9.43
N VAL B 17 22.17 -22.41 8.25
CA VAL B 17 21.01 -22.52 7.36
C VAL B 17 19.89 -23.34 8.00
N PRO B 18 18.73 -22.71 8.34
CA PRO B 18 17.59 -23.51 8.90
C PRO B 18 16.85 -24.17 7.73
N PRO B 19 15.91 -25.13 7.98
CA PRO B 19 15.30 -25.65 6.75
C PRO B 19 14.36 -24.68 6.03
N HIS B 20 14.01 -23.55 6.67
CA HIS B 20 13.05 -22.62 6.04
C HIS B 20 13.67 -21.49 5.21
N LYS B 21 14.91 -21.72 4.76
CA LYS B 21 15.58 -20.80 3.81
C LYS B 21 15.72 -21.41 2.42
N THR B 22 14.85 -22.36 2.11
CA THR B 22 14.80 -22.95 0.77
C THR B 22 13.87 -22.16 -0.08
N VAL B 23 14.19 -22.18 -1.34
CA VAL B 23 13.43 -21.68 -2.42
C VAL B 23 11.92 -21.51 -2.25
N ARG B 24 11.24 -22.46 -1.67
CA ARG B 24 9.78 -22.38 -1.59
C ARG B 24 9.32 -21.54 -0.43
N HIS B 25 10.24 -21.29 0.50
CA HIS B 25 9.96 -20.40 1.60
C HIS B 25 10.24 -18.99 1.18
N LEU B 26 11.11 -18.78 0.23
CA LEU B 26 11.29 -17.43 -0.32
C LEU B 26 10.00 -16.89 -0.93
N TYR B 27 9.29 -17.75 -1.67
CA TYR B 27 7.99 -17.43 -2.32
C TYR B 27 7.01 -18.60 -2.17
N PRO B 28 6.38 -18.69 -0.99
CA PRO B 28 5.24 -19.57 -0.71
C PRO B 28 4.13 -19.44 -1.78
N GLU B 29 4.06 -18.31 -2.49
CA GLU B 29 3.00 -18.06 -3.47
C GLU B 29 3.31 -18.56 -4.88
N SER B 30 4.50 -19.13 -5.08
CA SER B 30 4.93 -19.62 -6.38
C SER B 30 4.65 -21.11 -6.53
N PRO B 31 3.67 -21.47 -7.38
CA PRO B 31 3.37 -22.87 -7.61
C PRO B 31 4.64 -23.64 -7.96
N GLU B 32 5.42 -23.09 -8.90
CA GLU B 32 6.70 -23.60 -9.43
C GLU B 32 7.80 -23.85 -8.36
N PHE B 33 7.94 -22.94 -7.40
CA PHE B 33 9.02 -23.05 -6.44
C PHE B 33 8.65 -24.08 -5.45
N ALA B 34 7.36 -24.38 -5.32
CA ALA B 34 6.86 -25.40 -4.38
C ALA B 34 7.55 -26.78 -4.54
N GLU B 35 8.12 -27.03 -5.73
CA GLU B 35 8.72 -28.34 -6.02
C GLU B 35 10.24 -28.30 -6.31
N PHE B 36 10.89 -27.32 -5.72
CA PHE B 36 12.32 -27.25 -5.85
C PHE B 36 13.11 -28.17 -4.86
N PRO B 37 14.39 -28.41 -5.15
CA PRO B 37 15.25 -29.04 -4.14
C PRO B 37 15.23 -28.19 -2.83
N GLU B 38 15.07 -28.88 -1.69
CA GLU B 38 15.02 -28.18 -0.43
C GLU B 38 16.41 -27.69 -0.01
N VAL B 39 16.98 -26.80 -0.87
CA VAL B 39 18.30 -26.20 -0.77
C VAL B 39 18.21 -24.63 -0.56
N PHE B 40 19.28 -24.01 -0.05
CA PHE B 40 19.32 -22.60 0.33
C PHE B 40 19.11 -21.69 -0.90
N ALA B 41 18.03 -20.91 -0.87
CA ALA B 41 17.60 -20.15 -2.08
C ALA B 41 18.62 -19.11 -2.48
N SER B 42 18.82 -18.91 -3.76
CA SER B 42 19.68 -17.82 -4.19
C SER B 42 19.24 -16.40 -3.58
N GLY B 43 17.94 -16.12 -3.47
CA GLY B 43 17.42 -14.95 -2.74
C GLY B 43 17.88 -14.70 -1.30
N PHE B 44 17.81 -15.74 -0.48
CA PHE B 44 18.40 -15.76 0.81
C PHE B 44 19.92 -15.65 0.82
N MET B 45 20.63 -16.34 -0.05
CA MET B 45 22.06 -16.18 -0.12
C MET B 45 22.42 -14.71 -0.37
N VAL B 46 21.63 -14.05 -1.22
CA VAL B 46 21.74 -12.63 -1.43
C VAL B 46 21.51 -11.88 -0.17
N GLY B 47 20.41 -12.18 0.53
CA GLY B 47 20.08 -11.49 1.71
C GLY B 47 21.17 -11.62 2.74
N LEU B 48 21.86 -12.76 2.75
CA LEU B 48 22.86 -13.03 3.78
C LEU B 48 24.09 -12.27 3.50
N MET B 49 24.48 -12.26 2.26
CA MET B 49 25.61 -11.50 1.86
C MET B 49 25.38 -10.00 2.10
N GLU B 50 24.20 -9.50 1.80
CA GLU B 50 23.92 -8.11 2.11
C GLU B 50 24.02 -7.92 3.60
N TRP B 51 23.41 -8.85 4.36
CA TRP B 51 23.40 -8.80 5.78
C TRP B 51 24.81 -8.62 6.37
N ALA B 52 25.77 -9.36 5.83
CA ALA B 52 27.17 -9.23 6.23
C ALA B 52 27.80 -7.82 5.98
N CYS B 53 27.46 -7.23 4.83
CA CYS B 53 28.06 -5.98 4.43
C CYS B 53 27.38 -4.90 5.27
N VAL B 54 26.10 -5.10 5.57
CA VAL B 54 25.34 -4.23 6.49
C VAL B 54 26.03 -4.19 7.88
N ARG B 55 26.37 -5.38 8.42
CA ARG B 55 27.08 -5.52 9.69
C ARG B 55 28.41 -4.83 9.75
N ALA B 56 29.23 -5.06 8.74
CA ALA B 56 30.49 -4.35 8.63
C ALA B 56 30.36 -2.82 8.66
N MET B 57 29.22 -2.34 8.17
CA MET B 57 29.01 -0.93 7.90
C MET B 57 28.58 -0.22 9.09
N ALA B 58 27.84 -0.90 9.95
CA ALA B 58 27.10 -0.29 11.02
C ALA B 58 27.89 0.67 11.92
N PRO B 59 29.13 0.25 12.38
CA PRO B 59 29.73 1.14 13.37
C PRO B 59 30.01 2.51 12.76
N TYR B 60 30.05 2.57 11.42
CA TYR B 60 30.39 3.78 10.67
C TYR B 60 29.20 4.63 10.23
N LEU B 61 28.01 4.19 10.51
CA LEU B 61 26.85 5.03 10.16
C LEU B 61 26.62 6.12 11.24
N GLU B 62 26.41 7.35 10.81
CA GLU B 62 26.05 8.41 11.75
C GLU B 62 24.53 8.34 12.06
N PRO B 63 24.09 8.92 13.18
CA PRO B 63 22.62 8.93 13.38
C PRO B 63 21.88 9.54 12.21
N GLY B 64 20.76 8.85 11.92
CA GLY B 64 19.82 9.13 10.83
C GLY B 64 20.29 8.67 9.49
N GLU B 65 21.44 8.01 9.43
CA GLU B 65 21.90 7.41 8.16
C GLU B 65 21.52 5.91 8.03
N GLY B 66 21.43 5.40 6.81
CA GLY B 66 21.23 3.93 6.65
C GLY B 66 21.81 3.61 5.29
N SER B 67 21.63 2.39 4.79
CA SER B 67 22.18 2.07 3.51
C SER B 67 21.20 1.16 2.75
N LEU B 68 21.36 1.14 1.41
CA LEU B 68 20.52 0.29 0.58
C LEU B 68 21.40 -0.48 -0.29
N GLY B 69 21.02 -1.73 -0.59
CA GLY B 69 21.71 -2.45 -1.67
C GLY B 69 21.42 -1.94 -3.06
N THR B 70 22.46 -1.73 -3.85
CA THR B 70 22.33 -1.15 -5.18
C THR B 70 22.86 -1.98 -6.34
N ALA B 71 23.61 -3.03 -6.04
CA ALA B 71 24.01 -4.03 -7.02
C ALA B 71 24.43 -5.29 -6.28
N ILE B 72 24.09 -6.46 -6.82
CA ILE B 72 24.46 -7.82 -6.29
C ILE B 72 24.81 -8.59 -7.55
N CYS B 73 26.05 -9.07 -7.61
CA CYS B 73 26.46 -9.88 -8.70
C CYS B 73 27.25 -11.09 -8.22
N VAL B 74 26.59 -12.22 -7.93
CA VAL B 74 27.23 -13.43 -7.31
C VAL B 74 26.90 -14.73 -8.12
N THR B 75 27.81 -15.70 -8.11
CA THR B 75 27.50 -17.02 -8.66
C THR B 75 27.01 -17.83 -7.53
N HIS B 76 26.45 -18.97 -7.86
CA HIS B 76 25.95 -19.86 -6.87
C HIS B 76 26.31 -21.27 -7.35
N THR B 77 27.36 -21.83 -6.77
CA THR B 77 28.08 -22.89 -7.44
C THR B 77 27.95 -24.23 -6.72
N ALA B 78 27.34 -24.25 -5.53
CA ALA B 78 26.97 -25.50 -4.87
C ALA B 78 25.72 -25.28 -4.09
N ALA B 79 24.95 -26.31 -3.92
CA ALA B 79 23.78 -26.14 -3.18
C ALA B 79 24.06 -26.53 -1.77
N THR B 80 23.31 -25.88 -0.90
CA THR B 80 23.54 -25.94 0.52
C THR B 80 22.23 -26.36 1.14
N PRO B 81 22.22 -27.56 1.72
CA PRO B 81 21.10 -28.09 2.47
C PRO B 81 21.06 -27.42 3.82
N PRO B 82 19.92 -27.49 4.52
CA PRO B 82 19.80 -27.07 5.90
C PRO B 82 20.67 -27.91 6.90
N GLY B 83 21.34 -27.20 7.82
CA GLY B 83 22.14 -27.87 8.82
C GLY B 83 23.55 -27.41 8.69
N LEU B 84 24.02 -27.16 7.46
CA LEU B 84 25.30 -26.48 7.21
C LEU B 84 25.27 -25.02 7.71
N THR B 85 26.46 -24.44 7.90
CA THR B 85 26.60 -23.05 8.31
C THR B 85 27.21 -22.48 7.14
N VAL B 86 26.59 -21.44 6.63
CA VAL B 86 27.24 -20.62 5.63
C VAL B 86 28.09 -19.49 6.25
N THR B 87 29.34 -19.41 5.79
CA THR B 87 30.27 -18.37 6.18
C THR B 87 30.42 -17.35 5.04
N VAL B 88 29.82 -16.16 5.21
CA VAL B 88 30.09 -15.09 4.27
C VAL B 88 31.31 -14.29 4.70
N THR B 89 32.12 -13.96 3.71
CA THR B 89 33.38 -13.22 3.77
C THR B 89 33.35 -11.99 2.79
N ALA B 90 33.67 -10.78 3.33
CA ALA B 90 33.27 -9.49 2.70
C ALA B 90 34.32 -8.43 2.72
N GLU B 91 35.19 -8.35 1.72
CA GLU B 91 36.28 -7.39 1.60
C GLU B 91 35.95 -6.05 0.86
N LEU B 92 36.22 -4.90 1.51
CA LEU B 92 35.91 -3.59 0.92
C LEU B 92 36.85 -3.21 -0.22
N ARG B 93 36.27 -3.02 -1.39
CA ARG B 93 37.11 -2.82 -2.50
C ARG B 93 37.03 -1.39 -2.98
N SER B 94 35.99 -0.63 -2.54
CA SER B 94 35.97 0.78 -2.95
C SER B 94 35.08 1.68 -2.15
N VAL B 95 35.42 2.94 -2.00
CA VAL B 95 34.47 3.93 -1.49
C VAL B 95 34.46 5.09 -2.51
N GLU B 96 33.29 5.50 -2.94
CA GLU B 96 33.18 6.61 -3.86
C GLU B 96 31.91 7.41 -3.47
N GLY B 97 32.14 8.43 -2.66
CA GLY B 97 31.09 9.17 -2.01
C GLY B 97 30.34 8.25 -1.09
N ARG B 98 29.04 8.16 -1.36
CA ARG B 98 28.15 7.42 -0.45
C ARG B 98 28.05 5.96 -0.92
N ARG B 99 28.81 5.64 -1.96
CA ARG B 99 28.74 4.30 -2.58
C ARG B 99 29.87 3.38 -2.12
N LEU B 100 29.54 2.25 -1.50
CA LEU B 100 30.57 1.30 -1.03
C LEU B 100 30.35 -0.02 -1.81
N SER B 101 31.41 -0.63 -2.34
CA SER B 101 31.27 -1.95 -2.94
C SER B 101 32.22 -2.95 -2.34
N TRP B 102 31.70 -4.16 -2.17
CA TRP B 102 32.43 -5.22 -1.49
C TRP B 102 32.72 -6.43 -2.45
N ARG B 103 33.67 -7.31 -2.09
CA ARG B 103 33.71 -8.74 -2.54
C ARG B 103 32.98 -9.52 -1.49
N VAL B 104 32.16 -10.48 -1.90
CA VAL B 104 31.65 -11.42 -1.01
C VAL B 104 32.02 -12.85 -1.54
N SER B 105 32.14 -13.80 -0.62
CA SER B 105 32.34 -15.21 -0.92
C SER B 105 31.52 -15.86 0.12
N ALA B 106 31.06 -17.09 -0.15
CA ALA B 106 30.41 -17.86 0.91
C ALA B 106 30.84 -19.34 0.72
N HIS B 107 30.87 -20.08 1.82
CA HIS B 107 31.03 -21.51 1.74
C HIS B 107 30.23 -22.09 2.82
N ASP B 108 30.02 -23.39 2.75
CA ASP B 108 29.13 -24.05 3.72
C ASP B 108 29.81 -25.07 4.62
N GLY B 109 31.13 -24.99 4.75
CA GLY B 109 31.91 -26.06 5.44
C GLY B 109 32.46 -27.10 4.46
N VAL B 110 31.64 -27.43 3.47
CA VAL B 110 31.91 -28.54 2.56
C VAL B 110 32.46 -28.01 1.26
N ASP B 111 31.71 -27.06 0.67
CA ASP B 111 31.98 -26.50 -0.63
C ASP B 111 32.09 -24.96 -0.62
N GLU B 112 32.91 -24.42 -1.54
CA GLU B 112 32.76 -23.04 -2.03
C GLU B 112 31.37 -22.94 -2.70
N ILE B 113 30.49 -22.11 -2.14
CA ILE B 113 29.10 -22.05 -2.64
C ILE B 113 28.71 -20.83 -3.49
N GLY B 114 29.65 -19.91 -3.69
CA GLY B 114 29.43 -18.75 -4.56
C GLY B 114 30.24 -17.52 -4.19
N SER B 115 30.41 -16.59 -5.12
CA SER B 115 31.14 -15.32 -4.83
C SER B 115 30.95 -14.25 -5.90
N GLY B 116 31.38 -13.05 -5.60
CA GLY B 116 31.12 -11.98 -6.53
C GLY B 116 31.23 -10.66 -5.80
N THR B 117 30.31 -9.74 -6.04
CA THR B 117 30.47 -8.36 -5.55
C THR B 117 29.08 -7.92 -5.08
N HIS B 118 29.07 -6.91 -4.23
CA HIS B 118 27.85 -6.25 -3.77
C HIS B 118 28.19 -4.75 -3.59
N GLU B 119 27.31 -3.87 -4.04
CA GLU B 119 27.36 -2.40 -3.84
C GLU B 119 26.23 -1.93 -2.90
N ARG B 120 26.55 -1.01 -1.98
CA ARG B 120 25.53 -0.33 -1.14
C ARG B 120 25.60 1.18 -1.24
N ALA B 121 24.54 1.87 -0.80
CA ALA B 121 24.52 3.33 -0.86
C ALA B 121 24.13 3.78 0.49
N VAL B 122 24.95 4.65 1.07
CA VAL B 122 24.62 5.16 2.39
C VAL B 122 23.52 6.10 2.10
N ILE B 123 22.40 6.06 2.85
CA ILE B 123 21.28 7.00 2.65
C ILE B 123 20.99 7.79 3.91
N HIS B 124 20.33 8.91 3.70
CA HIS B 124 19.67 9.60 4.81
C HIS B 124 18.27 9.15 4.95
N LEU B 125 17.98 8.47 6.03
CA LEU B 125 16.68 7.82 6.15
C LEU B 125 15.46 8.75 5.99
N GLU B 126 15.47 9.98 6.56
CA GLU B 126 14.33 10.88 6.38
C GLU B 126 14.01 11.23 4.94
N LYS B 127 15.01 11.62 4.15
CA LYS B 127 14.79 12.00 2.79
C LYS B 127 14.21 10.78 2.01
N PHE B 128 14.86 9.60 2.16
CA PHE B 128 14.44 8.37 1.49
C PHE B 128 13.05 7.96 2.00
N ASN B 129 12.87 7.87 3.28
CA ASN B 129 11.47 7.59 3.73
C ASN B 129 10.49 8.50 3.04
N ALA B 130 10.74 9.81 2.98
CA ALA B 130 9.74 10.60 2.29
C ALA B 130 9.53 10.26 0.78
N LYS B 131 10.58 9.94 0.01
CA LYS B 131 10.35 9.58 -1.43
C LYS B 131 9.46 8.30 -1.56
N VAL B 132 9.72 7.40 -0.61
CA VAL B 132 8.98 6.13 -0.52
C VAL B 132 7.52 6.37 -0.16
N ARG B 133 7.25 7.18 0.87
CA ARG B 133 5.86 7.59 1.14
C ARG B 133 5.20 8.25 -0.12
N GLN B 134 5.99 8.90 -0.99
CA GLN B 134 5.49 9.62 -2.14
C GLN B 134 4.97 8.67 -3.24
N LYS B 135 5.66 7.57 -3.45
CA LYS B 135 5.18 6.57 -4.35
C LYS B 135 4.35 5.48 -3.73
N THR B 136 4.17 5.47 -2.45
CA THR B 136 3.20 4.54 -1.92
C THR B 136 1.79 4.84 -2.52
N PRO B 137 1.18 3.89 -3.28
CA PRO B 137 -0.14 4.29 -3.81
C PRO B 137 -1.15 4.10 -2.65
N MET C 5 -23.26 -0.31 -18.48
CA MET C 5 -23.53 1.13 -18.05
C MET C 5 -22.64 2.15 -18.81
N ARG C 6 -23.18 3.22 -19.38
CA ARG C 6 -22.39 4.07 -20.24
C ARG C 6 -22.25 5.51 -19.70
N VAL C 7 -21.10 6.13 -19.96
CA VAL C 7 -20.83 7.50 -19.68
C VAL C 7 -21.91 8.38 -20.14
N GLY C 8 -22.25 9.34 -19.29
CA GLY C 8 -23.45 10.17 -19.59
C GLY C 8 -24.64 9.83 -18.73
N GLU C 9 -24.67 8.63 -18.16
CA GLU C 9 -25.80 8.22 -17.30
C GLU C 9 -26.06 9.25 -16.23
N ARG C 10 -27.28 9.80 -16.16
CA ARG C 10 -27.46 10.89 -15.20
C ARG C 10 -28.74 10.67 -14.37
N PHE C 11 -28.67 10.90 -13.05
CA PHE C 11 -29.82 10.66 -12.17
C PHE C 11 -29.94 11.83 -11.21
N THR C 12 -31.12 12.29 -10.97
CA THR C 12 -31.38 13.34 -10.03
C THR C 12 -32.27 12.87 -8.87
N HIS C 13 -31.93 13.18 -7.65
CA HIS C 13 -32.57 12.59 -6.43
C HIS C 13 -32.86 13.76 -5.49
N ASP C 14 -34.08 13.89 -4.94
CA ASP C 14 -34.40 14.96 -3.98
C ASP C 14 -34.43 14.44 -2.54
N PHE C 15 -33.98 15.27 -1.59
CA PHE C 15 -34.00 14.89 -0.17
C PHE C 15 -34.38 16.14 0.60
N VAL C 16 -35.48 16.04 1.36
CA VAL C 16 -35.85 17.08 2.27
C VAL C 16 -35.04 16.92 3.54
N VAL C 17 -34.29 17.93 3.93
CA VAL C 17 -33.44 17.85 5.13
C VAL C 17 -34.25 17.84 6.43
N PRO C 18 -34.14 16.74 7.16
CA PRO C 18 -34.81 16.77 8.42
C PRO C 18 -33.78 17.14 9.49
N PRO C 19 -34.24 17.41 10.71
CA PRO C 19 -33.39 17.92 11.75
C PRO C 19 -32.33 16.94 12.22
N HIS C 20 -32.47 15.66 11.92
CA HIS C 20 -31.47 14.77 12.44
C HIS C 20 -30.28 14.54 11.48
N LYS C 21 -30.11 15.45 10.51
CA LYS C 21 -29.03 15.28 9.58
C LYS C 21 -28.15 16.48 9.70
N THR C 22 -28.08 16.99 10.93
CA THR C 22 -27.11 18.04 11.21
C THR C 22 -25.84 17.51 11.77
N VAL C 23 -24.90 18.41 11.88
CA VAL C 23 -23.57 18.10 12.30
C VAL C 23 -23.53 17.28 13.58
N ARG C 24 -24.25 17.76 14.57
CA ARG C 24 -24.34 17.17 15.89
C ARG C 24 -24.88 15.73 15.88
N HIS C 25 -25.77 15.37 15.01
CA HIS C 25 -26.29 13.99 14.94
C HIS C 25 -25.37 13.00 14.19
N LEU C 26 -24.53 13.47 13.29
CA LEU C 26 -23.51 12.58 12.71
C LEU C 26 -22.59 12.02 13.76
N TYR C 27 -22.06 12.86 14.67
CA TYR C 27 -21.27 12.37 15.80
C TYR C 27 -21.79 12.99 17.09
N PRO C 28 -22.85 12.38 17.62
CA PRO C 28 -23.31 12.85 18.96
C PRO C 28 -22.24 12.60 20.06
N GLU C 29 -21.25 11.77 19.73
CA GLU C 29 -20.07 11.56 20.63
C GLU C 29 -19.09 12.74 20.70
N SER C 30 -19.12 13.59 19.69
CA SER C 30 -18.21 14.68 19.67
C SER C 30 -18.65 15.95 20.46
N PRO C 31 -17.91 16.38 21.52
CA PRO C 31 -18.37 17.63 22.16
C PRO C 31 -18.05 18.84 21.31
N GLU C 32 -17.08 18.72 20.40
CA GLU C 32 -16.80 19.83 19.53
C GLU C 32 -18.06 20.00 18.65
N PHE C 33 -18.64 18.91 18.19
CA PHE C 33 -19.68 19.04 17.16
C PHE C 33 -20.94 19.45 17.86
N ALA C 34 -20.92 19.25 19.18
CA ALA C 34 -22.11 19.57 20.03
C ALA C 34 -22.41 21.05 19.94
N GLU C 35 -21.44 21.85 19.55
CA GLU C 35 -21.70 23.27 19.58
C GLU C 35 -21.76 23.89 18.18
N PHE C 36 -21.85 23.06 17.15
CA PHE C 36 -21.88 23.51 15.76
C PHE C 36 -23.26 24.10 15.47
N PRO C 37 -23.37 25.04 14.49
CA PRO C 37 -24.67 25.41 13.86
C PRO C 37 -25.47 24.14 13.41
N GLU C 38 -26.82 24.17 13.47
CA GLU C 38 -27.62 23.01 13.11
C GLU C 38 -27.82 23.11 11.59
N VAL C 39 -26.78 22.63 10.87
CA VAL C 39 -26.79 22.62 9.37
C VAL C 39 -26.41 21.23 8.88
N PHE C 40 -26.92 20.91 7.68
CA PHE C 40 -26.64 19.67 6.96
C PHE C 40 -25.19 19.35 6.98
N ALA C 41 -24.78 18.27 7.70
CA ALA C 41 -23.32 17.91 7.82
C ALA C 41 -22.72 17.51 6.48
N SER C 42 -21.41 17.80 6.25
CA SER C 42 -20.72 17.21 5.12
C SER C 42 -20.85 15.71 4.99
N GLY C 43 -20.61 14.95 6.07
CA GLY C 43 -20.78 13.49 6.01
C GLY C 43 -22.12 13.00 5.49
N PHE C 44 -23.15 13.78 5.73
CA PHE C 44 -24.49 13.40 5.30
C PHE C 44 -24.71 13.87 3.91
N MET C 45 -24.14 15.01 3.53
CA MET C 45 -24.18 15.37 2.13
C MET C 45 -23.47 14.28 1.35
N VAL C 46 -22.33 13.82 1.85
CA VAL C 46 -21.58 12.77 1.11
C VAL C 46 -22.48 11.55 0.98
N GLY C 47 -23.19 11.22 2.07
CA GLY C 47 -24.03 10.03 2.01
C GLY C 47 -25.13 10.18 0.95
N LEU C 48 -25.80 11.35 0.89
CA LEU C 48 -26.85 11.58 -0.12
C LEU C 48 -26.24 11.49 -1.52
N MET C 49 -25.03 12.07 -1.68
CA MET C 49 -24.47 11.95 -2.99
C MET C 49 -24.24 10.52 -3.29
N GLU C 50 -23.73 9.75 -2.36
CA GLU C 50 -23.55 8.36 -2.72
C GLU C 50 -24.86 7.66 -3.03
N TRP C 51 -25.88 7.96 -2.21
CA TRP C 51 -27.15 7.31 -2.36
C TRP C 51 -27.65 7.53 -3.73
N ALA C 52 -27.45 8.75 -4.32
CA ALA C 52 -27.92 8.97 -5.68
C ALA C 52 -27.22 8.10 -6.74
N CYS C 53 -25.90 7.93 -6.60
CA CYS C 53 -25.16 7.04 -7.49
C CYS C 53 -25.62 5.60 -7.34
N VAL C 54 -25.74 5.11 -6.08
CA VAL C 54 -26.24 3.74 -5.86
C VAL C 54 -27.57 3.54 -6.57
N ARG C 55 -28.50 4.48 -6.47
CA ARG C 55 -29.83 4.33 -7.06
C ARG C 55 -29.69 4.37 -8.59
N ALA C 56 -28.79 5.22 -9.11
CA ALA C 56 -28.52 5.20 -10.59
C ALA C 56 -27.92 3.88 -11.15
N MET C 57 -27.15 3.18 -10.30
CA MET C 57 -26.44 1.94 -10.65
C MET C 57 -27.32 0.71 -10.57
N ALA C 58 -28.34 0.79 -9.72
CA ALA C 58 -29.21 -0.36 -9.40
C ALA C 58 -29.76 -1.14 -10.59
N PRO C 59 -30.33 -0.46 -11.63
CA PRO C 59 -30.76 -1.19 -12.78
C PRO C 59 -29.67 -1.95 -13.47
N TYR C 60 -28.39 -1.61 -13.21
CA TYR C 60 -27.32 -2.23 -13.95
C TYR C 60 -26.56 -3.28 -13.19
N LEU C 61 -26.92 -3.53 -11.96
CA LEU C 61 -26.16 -4.54 -11.21
C LEU C 61 -26.94 -5.87 -11.23
N GLU C 62 -26.24 -7.00 -11.25
CA GLU C 62 -26.96 -8.29 -11.37
C GLU C 62 -27.33 -8.69 -9.93
N PRO C 63 -28.28 -9.66 -9.73
CA PRO C 63 -28.45 -10.18 -8.38
C PRO C 63 -27.11 -10.72 -7.87
N GLY C 64 -26.79 -10.41 -6.63
CA GLY C 64 -25.56 -10.86 -6.02
C GLY C 64 -24.48 -9.80 -6.04
N GLU C 65 -24.68 -8.76 -6.86
CA GLU C 65 -23.71 -7.70 -7.00
C GLU C 65 -24.15 -6.51 -6.13
N GLY C 66 -23.18 -5.76 -5.58
CA GLY C 66 -23.39 -4.45 -4.97
C GLY C 66 -22.21 -3.53 -5.29
N SER C 67 -22.05 -2.48 -4.50
CA SER C 67 -20.99 -1.52 -4.74
C SER C 67 -20.63 -0.81 -3.44
N LEU C 68 -19.40 -0.32 -3.40
CA LEU C 68 -18.78 0.34 -2.27
C LEU C 68 -18.21 1.63 -2.80
N GLY C 69 -18.38 2.74 -2.07
CA GLY C 69 -17.70 4.00 -2.39
C GLY C 69 -16.21 3.80 -2.06
N THR C 70 -15.37 4.17 -3.03
CA THR C 70 -13.95 4.09 -2.92
C THR C 70 -13.22 5.43 -2.99
N ALA C 71 -13.90 6.53 -3.33
CA ALA C 71 -13.35 7.84 -3.20
C ALA C 71 -14.48 8.85 -3.17
N ILE C 72 -14.21 10.02 -2.55
CA ILE C 72 -15.07 11.14 -2.63
C ILE C 72 -14.27 12.42 -2.61
N CYS C 73 -14.57 13.32 -3.50
CA CYS C 73 -13.70 14.55 -3.61
C CYS C 73 -14.61 15.70 -3.94
N VAL C 74 -15.12 16.44 -2.95
CA VAL C 74 -16.12 17.45 -3.24
C VAL C 74 -15.89 18.63 -2.39
N THR C 75 -16.50 19.71 -2.81
CA THR C 75 -16.43 20.92 -2.12
C THR C 75 -17.74 20.95 -1.28
N HIS C 76 -17.79 21.80 -0.27
CA HIS C 76 -19.05 22.05 0.48
C HIS C 76 -19.08 23.57 0.62
N THR C 77 -19.86 24.20 -0.26
CA THR C 77 -19.73 25.63 -0.45
C THR C 77 -20.84 26.49 0.08
N ALA C 78 -21.89 25.87 0.63
CA ALA C 78 -22.98 26.69 1.15
C ALA C 78 -23.71 25.79 2.19
N ALA C 79 -24.26 26.46 3.14
CA ALA C 79 -24.81 25.76 4.31
C ALA C 79 -26.35 25.61 4.26
N THR C 80 -26.88 24.55 4.89
CA THR C 80 -28.24 24.22 4.65
C THR C 80 -28.90 23.84 6.01
N PRO C 81 -29.91 24.64 6.50
CA PRO C 81 -30.54 24.24 7.78
C PRO C 81 -31.66 23.25 7.50
N PRO C 82 -32.21 22.55 8.56
CA PRO C 82 -33.28 21.66 8.18
C PRO C 82 -34.50 22.31 7.61
N GLY C 83 -35.28 21.55 6.87
CA GLY C 83 -36.35 22.15 6.13
C GLY C 83 -36.30 22.35 4.62
N LEU C 84 -35.08 22.59 4.11
CA LEU C 84 -34.80 22.68 2.70
C LEU C 84 -34.70 21.35 2.03
N THR C 85 -35.01 21.37 0.71
CA THR C 85 -34.84 20.22 -0.12
C THR C 85 -33.50 20.23 -0.89
N VAL C 86 -32.70 19.20 -0.73
CA VAL C 86 -31.45 19.10 -1.42
C VAL C 86 -31.63 18.15 -2.57
N THR C 87 -31.26 18.63 -3.75
CA THR C 87 -31.39 17.83 -4.94
C THR C 87 -29.95 17.50 -5.37
N VAL C 88 -29.68 16.24 -5.54
CA VAL C 88 -28.37 15.73 -5.96
C VAL C 88 -28.54 15.28 -7.40
N THR C 89 -27.57 15.62 -8.25
CA THR C 89 -27.42 15.09 -9.58
C THR C 89 -26.07 14.29 -9.74
N ALA C 90 -26.17 13.07 -10.28
CA ALA C 90 -25.08 12.15 -10.34
C ALA C 90 -24.94 11.93 -11.81
N GLU C 91 -23.73 12.06 -12.35
CA GLU C 91 -23.55 11.76 -13.78
C GLU C 91 -22.34 10.89 -13.93
N LEU C 92 -22.47 9.73 -14.64
CA LEU C 92 -21.42 8.80 -14.72
C LEU C 92 -20.41 9.40 -15.80
N ARG C 93 -19.15 9.54 -15.44
CA ARG C 93 -18.04 10.15 -16.20
C ARG C 93 -16.99 9.16 -16.70
N SER C 94 -16.77 8.04 -16.04
CA SER C 94 -15.95 7.03 -16.69
C SER C 94 -16.13 5.68 -16.02
N VAL C 95 -15.98 4.62 -16.81
CA VAL C 95 -16.13 3.26 -16.30
C VAL C 95 -14.86 2.56 -16.82
N GLU C 96 -13.94 2.17 -15.91
CA GLU C 96 -12.76 1.35 -16.15
C GLU C 96 -12.90 0.03 -15.27
N GLY C 97 -13.44 -1.04 -15.89
CA GLY C 97 -13.61 -2.34 -15.24
C GLY C 97 -14.82 -2.28 -14.33
N ARG C 98 -14.56 -2.72 -13.09
CA ARG C 98 -15.52 -2.67 -11.96
C ARG C 98 -15.62 -1.26 -11.27
N ARG C 99 -14.89 -0.28 -11.81
CA ARG C 99 -14.72 1.06 -11.17
C ARG C 99 -15.50 2.14 -11.91
N LEU C 100 -16.49 2.74 -11.25
CA LEU C 100 -17.28 3.83 -11.85
C LEU C 100 -16.93 5.12 -11.15
N SER C 101 -16.67 6.15 -11.97
CA SER C 101 -16.50 7.53 -11.50
C SER C 101 -17.66 8.43 -11.94
N TRP C 102 -18.13 9.28 -11.04
CA TRP C 102 -19.45 9.92 -11.08
C TRP C 102 -19.05 11.29 -10.77
N ARG C 103 -19.59 12.27 -11.50
CA ARG C 103 -19.52 13.63 -11.08
C ARG C 103 -20.81 13.86 -10.18
N VAL C 104 -20.68 14.45 -9.02
CA VAL C 104 -21.89 14.67 -8.18
C VAL C 104 -22.04 16.15 -7.84
N SER C 105 -23.23 16.73 -7.84
CA SER C 105 -23.33 18.11 -7.33
C SER C 105 -24.66 18.17 -6.56
N ALA C 106 -24.78 19.10 -5.63
CA ALA C 106 -26.02 19.19 -4.80
C ALA C 106 -26.36 20.67 -4.70
N HIS C 107 -27.69 20.99 -4.63
CA HIS C 107 -28.19 22.34 -4.60
C HIS C 107 -29.29 22.25 -3.55
N ASP C 108 -29.43 23.24 -2.71
CA ASP C 108 -30.55 23.17 -1.69
C ASP C 108 -31.77 24.07 -2.09
N GLY C 109 -31.89 24.35 -3.39
CA GLY C 109 -32.96 25.18 -3.88
C GLY C 109 -32.68 26.64 -3.71
N VAL C 110 -31.64 27.00 -2.96
CA VAL C 110 -31.19 28.41 -2.86
C VAL C 110 -29.75 28.57 -3.47
N ASP C 111 -28.81 27.68 -3.04
CA ASP C 111 -27.37 27.73 -3.44
C ASP C 111 -26.97 26.33 -3.93
N GLU C 112 -26.02 26.24 -4.87
CA GLU C 112 -25.18 25.04 -5.04
C GLU C 112 -24.46 24.87 -3.72
N ILE C 113 -24.53 23.68 -3.14
CA ILE C 113 -23.94 23.42 -1.80
C ILE C 113 -22.67 22.57 -1.88
N GLY C 114 -22.43 21.97 -3.04
CA GLY C 114 -21.22 21.18 -3.28
C GLY C 114 -21.19 20.46 -4.61
N SER C 115 -19.99 20.13 -5.09
CA SER C 115 -19.86 19.44 -6.32
C SER C 115 -18.49 18.76 -6.34
N GLY C 116 -18.31 17.72 -7.18
CA GLY C 116 -17.03 17.01 -7.16
C GLY C 116 -17.28 15.66 -7.74
N THR C 117 -16.50 14.66 -7.32
CA THR C 117 -16.60 13.39 -7.90
C THR C 117 -16.73 12.33 -6.82
N HIS C 118 -17.22 11.17 -7.21
CA HIS C 118 -17.32 10.06 -6.28
C HIS C 118 -16.95 8.80 -7.03
N GLU C 119 -16.15 7.93 -6.47
CA GLU C 119 -15.92 6.71 -7.18
C GLU C 119 -16.54 5.53 -6.42
N ARG C 120 -17.07 4.52 -7.15
CA ARG C 120 -17.52 3.28 -6.51
C ARG C 120 -16.92 2.11 -7.20
N ALA C 121 -16.82 1.01 -6.47
CA ALA C 121 -16.43 -0.28 -7.03
C ALA C 121 -17.55 -1.33 -6.97
N VAL C 122 -17.80 -2.01 -8.09
CA VAL C 122 -18.86 -3.06 -8.07
C VAL C 122 -18.25 -4.27 -7.37
N ILE C 123 -18.97 -4.87 -6.45
CA ILE C 123 -18.44 -5.99 -5.73
C ILE C 123 -19.50 -7.10 -5.78
N HIS C 124 -19.05 -8.30 -5.45
CA HIS C 124 -19.93 -9.42 -5.23
C HIS C 124 -20.16 -9.44 -3.74
N LEU C 125 -21.41 -9.28 -3.37
CA LEU C 125 -21.78 -9.07 -1.99
C LEU C 125 -21.41 -10.23 -1.10
N GLU C 126 -21.72 -11.48 -1.49
CA GLU C 126 -21.57 -12.59 -0.50
C GLU C 126 -20.12 -12.82 -0.15
N LYS C 127 -19.26 -12.73 -1.18
CA LYS C 127 -17.81 -12.82 -0.99
C LYS C 127 -17.31 -11.64 -0.11
N PHE C 128 -17.75 -10.43 -0.41
CA PHE C 128 -17.29 -9.24 0.42
C PHE C 128 -17.74 -9.31 1.91
N ASN C 129 -19.01 -9.68 2.15
CA ASN C 129 -19.56 -9.85 3.53
C ASN C 129 -18.82 -10.89 4.36
N ALA C 130 -18.39 -11.96 3.72
CA ALA C 130 -17.56 -12.97 4.40
C ALA C 130 -16.20 -12.48 4.79
N LYS C 131 -15.55 -11.71 3.93
CA LYS C 131 -14.35 -10.99 4.38
C LYS C 131 -14.60 -10.05 5.57
N VAL C 132 -15.75 -9.38 5.52
CA VAL C 132 -16.07 -8.41 6.54
C VAL C 132 -16.23 -9.15 7.88
N ARG C 133 -16.99 -10.26 7.83
CA ARG C 133 -17.29 -11.02 9.05
C ARG C 133 -15.95 -11.54 9.66
N GLN C 134 -14.97 -11.83 8.79
CA GLN C 134 -13.71 -12.40 9.16
C GLN C 134 -12.87 -11.37 9.89
N LYS C 135 -13.11 -10.12 9.57
CA LYS C 135 -12.40 -9.00 10.11
C LYS C 135 -13.06 -8.42 11.36
N THR C 136 -14.27 -8.83 11.69
CA THR C 136 -15.02 -8.21 12.78
C THR C 136 -14.59 -8.90 14.08
N PRO C 137 -14.00 -8.16 15.04
CA PRO C 137 -13.41 -8.81 16.20
C PRO C 137 -14.54 -9.03 17.25
N MET D 5 -1.36 28.24 14.33
CA MET D 5 -1.08 26.91 13.84
C MET D 5 0.05 27.04 12.84
N ARG D 6 0.90 26.06 12.74
CA ARG D 6 1.96 26.18 11.73
C ARG D 6 1.91 25.04 10.77
N VAL D 7 2.18 25.33 9.51
CA VAL D 7 2.38 24.28 8.52
C VAL D 7 3.33 23.23 9.05
N GLY D 8 2.94 21.96 8.93
CA GLY D 8 3.71 20.81 9.48
C GLY D 8 3.14 20.20 10.77
N GLU D 9 2.28 20.91 11.49
CA GLU D 9 1.86 20.37 12.82
C GLU D 9 0.90 19.27 12.58
N ARG D 10 1.01 18.17 13.34
CA ARG D 10 0.21 16.95 13.14
C ARG D 10 -0.68 16.74 14.40
N PHE D 11 -1.82 16.01 14.28
CA PHE D 11 -2.73 15.73 15.39
C PHE D 11 -3.19 14.32 15.17
N THR D 12 -3.46 13.58 16.20
CA THR D 12 -3.98 12.25 16.06
C THR D 12 -5.28 12.10 16.86
N HIS D 13 -6.25 11.42 16.30
CA HIS D 13 -7.60 11.25 16.91
C HIS D 13 -8.04 9.79 16.69
N ASP D 14 -8.33 9.06 17.77
CA ASP D 14 -8.73 7.66 17.85
C ASP D 14 -10.27 7.55 18.00
N PHE D 15 -10.86 6.47 17.48
CA PHE D 15 -12.34 6.26 17.63
C PHE D 15 -12.70 4.80 17.49
N VAL D 16 -13.31 4.19 18.50
CA VAL D 16 -13.80 2.81 18.29
C VAL D 16 -15.09 2.87 17.48
N VAL D 17 -15.06 2.29 16.29
CA VAL D 17 -16.27 2.28 15.46
C VAL D 17 -17.44 1.49 16.18
N PRO D 18 -18.55 2.16 16.53
CA PRO D 18 -19.63 1.31 17.08
C PRO D 18 -20.57 0.79 16.02
N PRO D 19 -21.55 -0.13 16.38
CA PRO D 19 -22.42 -0.70 15.40
C PRO D 19 -23.24 0.39 14.75
N HIS D 20 -23.42 1.54 15.35
CA HIS D 20 -24.37 2.45 14.67
C HIS D 20 -23.69 3.44 13.69
N LYS D 21 -22.50 3.09 13.22
CA LYS D 21 -21.80 3.96 12.17
C LYS D 21 -21.67 3.21 10.87
N THR D 22 -22.51 2.22 10.71
CA THR D 22 -22.51 1.48 9.44
C THR D 22 -23.32 2.22 8.42
N VAL D 23 -23.23 1.84 7.19
CA VAL D 23 -23.93 2.49 6.13
C VAL D 23 -25.47 2.71 6.39
N ARG D 24 -26.13 1.69 6.88
CA ARG D 24 -27.58 1.76 7.01
C ARG D 24 -27.97 2.74 8.07
N HIS D 25 -27.08 3.02 8.99
CA HIS D 25 -27.41 4.04 10.00
C HIS D 25 -27.17 5.46 9.53
N LEU D 26 -26.44 5.63 8.45
CA LEU D 26 -26.28 7.02 7.91
C LEU D 26 -27.57 7.60 7.31
N TYR D 27 -28.27 6.77 6.55
CA TYR D 27 -29.53 7.05 5.89
C TYR D 27 -30.38 5.82 6.14
N PRO D 28 -31.01 5.77 7.39
CA PRO D 28 -32.03 4.72 7.50
C PRO D 28 -33.12 5.01 6.50
N GLU D 29 -33.23 6.25 6.04
CA GLU D 29 -34.26 6.50 5.01
C GLU D 29 -34.04 5.80 3.67
N SER D 30 -32.82 5.34 3.45
CA SER D 30 -32.52 4.66 2.17
C SER D 30 -32.76 3.16 2.13
N PRO D 31 -33.69 2.69 1.26
CA PRO D 31 -33.91 1.25 1.14
C PRO D 31 -32.72 0.57 0.57
N GLU D 32 -31.95 1.23 -0.33
CA GLU D 32 -30.72 0.64 -0.86
C GLU D 32 -29.66 0.36 0.22
N PHE D 33 -29.50 1.28 1.18
CA PHE D 33 -28.45 1.17 2.21
C PHE D 33 -28.86 0.16 3.23
N ALA D 34 -30.17 -0.02 3.40
CA ALA D 34 -30.67 -1.07 4.36
C ALA D 34 -29.97 -2.45 4.14
N GLU D 35 -29.51 -2.72 2.92
CA GLU D 35 -28.94 -4.02 2.61
C GLU D 35 -27.44 -4.03 2.42
N PHE D 36 -26.82 -2.92 2.74
CA PHE D 36 -25.37 -2.81 2.64
C PHE D 36 -24.63 -3.60 3.76
N PRO D 37 -23.41 -4.03 3.44
CA PRO D 37 -22.50 -4.74 4.35
C PRO D 37 -22.33 -3.90 5.61
N GLU D 38 -22.00 -4.55 6.74
CA GLU D 38 -22.06 -3.87 8.04
C GLU D 38 -20.67 -3.28 8.30
N VAL D 39 -20.35 -2.24 7.50
CA VAL D 39 -19.06 -1.55 7.59
C VAL D 39 -19.29 -0.04 7.78
N PHE D 40 -18.26 0.60 8.31
CA PHE D 40 -18.11 2.06 8.55
C PHE D 40 -18.35 2.83 7.23
N ALA D 41 -19.36 3.71 7.23
CA ALA D 41 -19.90 4.36 6.04
C ALA D 41 -18.86 5.40 5.66
N SER D 42 -18.58 5.63 4.35
CA SER D 42 -17.82 6.78 3.93
C SER D 42 -18.24 8.13 4.52
N GLY D 43 -19.55 8.41 4.59
CA GLY D 43 -20.07 9.59 5.36
C GLY D 43 -19.58 9.77 6.78
N PHE D 44 -19.57 8.67 7.55
CA PHE D 44 -19.03 8.74 8.87
C PHE D 44 -17.51 8.85 8.91
N MET D 45 -16.79 8.23 7.93
CA MET D 45 -15.32 8.40 7.84
C MET D 45 -15.02 9.91 7.65
N VAL D 46 -15.66 10.55 6.70
CA VAL D 46 -15.51 11.97 6.46
C VAL D 46 -15.79 12.73 7.69
N GLY D 47 -16.81 12.33 8.47
CA GLY D 47 -17.08 13.07 9.63
C GLY D 47 -16.06 12.89 10.68
N LEU D 48 -15.41 11.73 10.74
CA LEU D 48 -14.35 11.55 11.67
C LEU D 48 -13.10 12.34 11.36
N MET D 49 -12.78 12.38 10.06
CA MET D 49 -11.69 13.22 9.61
C MET D 49 -11.94 14.70 9.92
N GLU D 50 -13.14 15.20 9.67
CA GLU D 50 -13.47 16.55 10.03
C GLU D 50 -13.24 16.77 11.50
N TRP D 51 -13.76 15.83 12.29
CA TRP D 51 -13.77 15.94 13.78
C TRP D 51 -12.33 16.11 14.27
N ALA D 52 -11.40 15.31 13.71
CA ALA D 52 -9.98 15.34 14.00
C ALA D 52 -9.33 16.71 13.83
N CYS D 53 -9.63 17.31 12.66
CA CYS D 53 -9.10 18.62 12.26
C CYS D 53 -9.74 19.66 13.08
N VAL D 54 -11.01 19.45 13.41
CA VAL D 54 -11.77 20.34 14.40
C VAL D 54 -11.11 20.38 15.80
N ARG D 55 -10.83 19.21 16.36
CA ARG D 55 -10.07 19.17 17.58
C ARG D 55 -8.68 19.79 17.42
N ALA D 56 -7.98 19.50 16.32
CA ALA D 56 -6.64 20.18 16.22
C ALA D 56 -6.74 21.68 16.29
N MET D 57 -7.75 22.27 15.66
CA MET D 57 -7.71 23.75 15.54
C MET D 57 -8.44 24.47 16.66
N ALA D 58 -9.16 23.70 17.48
CA ALA D 58 -9.89 24.22 18.63
C ALA D 58 -9.15 25.20 19.54
N PRO D 59 -7.92 24.85 19.98
CA PRO D 59 -7.17 25.77 20.87
C PRO D 59 -6.82 27.13 20.19
N TYR D 60 -6.97 27.20 18.89
CA TYR D 60 -6.53 28.40 18.20
C TYR D 60 -7.72 29.28 17.79
N LEU D 61 -8.92 28.90 18.16
CA LEU D 61 -10.09 29.72 17.84
C LEU D 61 -10.27 30.78 18.96
N GLU D 62 -10.57 32.01 18.56
CA GLU D 62 -10.88 33.11 19.51
C GLU D 62 -12.36 32.91 19.85
N PRO D 63 -12.84 33.49 20.95
CA PRO D 63 -14.32 33.43 21.24
C PRO D 63 -15.17 33.97 20.07
N GLY D 64 -16.22 33.27 19.69
CA GLY D 64 -17.06 33.73 18.59
C GLY D 64 -16.75 33.12 17.25
N GLU D 65 -15.61 32.45 17.15
CA GLU D 65 -15.17 31.83 15.90
C GLU D 65 -15.56 30.41 15.90
N GLY D 66 -15.98 29.92 14.74
CA GLY D 66 -16.05 28.49 14.55
C GLY D 66 -15.32 28.12 13.25
N SER D 67 -15.64 26.96 12.70
CA SER D 67 -15.11 26.58 11.42
C SER D 67 -16.09 25.64 10.73
N LEU D 68 -15.95 25.68 9.43
CA LEU D 68 -16.72 24.89 8.50
C LEU D 68 -15.79 24.14 7.56
N GLY D 69 -16.07 22.84 7.36
CA GLY D 69 -15.48 22.12 6.24
C GLY D 69 -15.93 22.65 4.87
N THR D 70 -14.93 22.99 4.02
CA THR D 70 -15.24 23.48 2.71
C THR D 70 -14.75 22.60 1.62
N ALA D 71 -14.03 21.53 1.97
CA ALA D 71 -13.77 20.40 1.02
C ALA D 71 -13.28 19.16 1.73
N ILE D 72 -13.58 18.04 1.14
CA ILE D 72 -13.04 16.81 1.53
C ILE D 72 -12.70 16.01 0.28
N CYS D 73 -11.48 15.47 0.21
CA CYS D 73 -11.01 14.75 -0.97
C CYS D 73 -10.22 13.51 -0.56
N VAL D 74 -10.89 12.38 -0.42
CA VAL D 74 -10.23 11.19 0.22
C VAL D 74 -10.62 9.86 -0.45
N THR D 75 -9.72 8.91 -0.47
CA THR D 75 -10.02 7.53 -0.86
C THR D 75 -10.58 6.74 0.38
N HIS D 76 -11.32 5.66 0.13
CA HIS D 76 -11.84 4.78 1.19
C HIS D 76 -11.45 3.40 0.64
N THR D 77 -10.30 2.91 1.12
CA THR D 77 -9.56 1.83 0.45
C THR D 77 -9.71 0.47 1.09
N ALA D 78 -10.19 0.41 2.31
CA ALA D 78 -10.39 -0.91 2.96
C ALA D 78 -11.60 -0.70 3.82
N ALA D 79 -12.39 -1.73 4.16
CA ALA D 79 -13.67 -1.50 4.90
C ALA D 79 -13.45 -1.87 6.36
N THR D 80 -14.27 -1.27 7.26
CA THR D 80 -13.98 -1.37 8.70
C THR D 80 -15.29 -1.83 9.46
N PRO D 81 -15.32 -3.07 9.96
CA PRO D 81 -16.47 -3.44 10.79
C PRO D 81 -16.52 -2.77 12.16
N PRO D 82 -17.72 -2.74 12.81
CA PRO D 82 -17.69 -2.24 14.16
C PRO D 82 -16.72 -2.98 15.02
N GLY D 83 -16.15 -2.30 16.02
CA GLY D 83 -15.27 -3.04 16.96
C GLY D 83 -13.80 -2.69 16.81
N LEU D 84 -13.40 -2.42 15.56
CA LEU D 84 -12.07 -1.88 15.37
C LEU D 84 -12.00 -0.39 15.76
N THR D 85 -10.79 0.03 16.12
CA THR D 85 -10.46 1.42 16.40
C THR D 85 -9.91 2.08 15.18
N VAL D 86 -10.59 3.14 14.77
CA VAL D 86 -10.06 4.03 13.69
C VAL D 86 -9.23 5.22 14.20
N THR D 87 -7.99 5.27 13.75
CA THR D 87 -7.10 6.35 14.12
C THR D 87 -6.93 7.30 12.89
N VAL D 88 -7.27 8.55 13.03
CA VAL D 88 -7.07 9.55 11.99
C VAL D 88 -5.85 10.38 12.36
N THR D 89 -5.04 10.67 11.36
CA THR D 89 -3.88 11.44 11.57
C THR D 89 -4.07 12.65 10.58
N ALA D 90 -3.65 13.87 10.97
CA ALA D 90 -3.90 15.08 10.19
C ALA D 90 -2.62 15.91 10.23
N GLU D 91 -2.14 16.40 9.08
CA GLU D 91 -0.93 17.24 9.04
C GLU D 91 -1.32 18.55 8.33
N LEU D 92 -1.00 19.71 8.90
CA LEU D 92 -1.54 20.98 8.37
C LEU D 92 -0.59 21.35 7.32
N ARG D 93 -1.10 21.59 6.10
CA ARG D 93 -0.28 21.76 4.87
C ARG D 93 -0.31 23.20 4.33
N SER D 94 -1.31 23.99 4.75
CA SER D 94 -1.31 25.44 4.51
C SER D 94 -2.32 26.21 5.31
N VAL D 95 -1.99 27.46 5.61
CA VAL D 95 -2.87 28.42 6.28
C VAL D 95 -2.83 29.65 5.43
N GLU D 96 -3.97 30.12 4.98
CA GLU D 96 -3.98 31.29 4.11
C GLU D 96 -5.18 32.18 4.55
N GLY D 97 -4.89 33.09 5.52
CA GLY D 97 -5.94 33.96 6.14
C GLY D 97 -6.79 32.96 6.93
N ARG D 98 -8.05 32.84 6.56
CA ARG D 98 -9.04 32.00 7.25
C ARG D 98 -9.06 30.54 6.81
N ARG D 99 -8.28 30.22 5.77
CA ARG D 99 -8.46 28.94 5.13
C ARG D 99 -7.32 28.03 5.56
N LEU D 100 -7.64 26.81 5.98
CA LEU D 100 -6.61 25.89 6.40
C LEU D 100 -6.79 24.56 5.65
N SER D 101 -5.71 23.93 5.21
CA SER D 101 -5.79 22.60 4.56
C SER D 101 -4.87 21.64 5.23
N TRP D 102 -5.36 20.45 5.33
CA TRP D 102 -4.81 19.43 6.10
C TRP D 102 -4.64 18.24 5.18
N ARG D 103 -3.64 17.41 5.38
CA ARG D 103 -3.61 16.14 4.71
C ARG D 103 -4.12 15.15 5.78
N VAL D 104 -5.08 14.27 5.48
CA VAL D 104 -5.55 13.37 6.51
C VAL D 104 -5.35 11.92 6.08
N SER D 105 -5.30 10.97 7.02
CA SER D 105 -5.08 9.59 6.74
C SER D 105 -5.70 8.84 7.88
N ALA D 106 -6.22 7.67 7.62
CA ALA D 106 -6.98 6.88 8.68
C ALA D 106 -6.59 5.44 8.52
N HIS D 107 -6.43 4.70 9.61
CA HIS D 107 -6.24 3.27 9.59
C HIS D 107 -7.15 2.70 10.69
N ASP D 108 -7.43 1.42 10.64
CA ASP D 108 -8.36 0.79 11.60
C ASP D 108 -7.59 -0.26 12.45
N GLY D 109 -6.24 -0.20 12.39
CA GLY D 109 -5.33 -1.07 13.18
C GLY D 109 -4.97 -2.26 12.36
N VAL D 110 -5.76 -2.54 11.35
CA VAL D 110 -5.52 -3.77 10.58
C VAL D 110 -5.12 -3.30 9.22
N ASP D 111 -5.98 -2.45 8.60
CA ASP D 111 -5.72 -1.92 7.26
C ASP D 111 -5.62 -0.37 7.25
N GLU D 112 -4.78 0.21 6.37
CA GLU D 112 -4.94 1.61 6.01
C GLU D 112 -6.33 1.72 5.33
N ILE D 113 -7.11 2.76 5.62
CA ILE D 113 -8.45 2.75 5.12
C ILE D 113 -8.73 3.98 4.23
N GLY D 114 -7.87 4.98 4.21
CA GLY D 114 -8.09 6.05 3.21
C GLY D 114 -7.25 7.22 3.62
N SER D 115 -7.12 8.19 2.70
CA SER D 115 -6.25 9.32 2.89
C SER D 115 -6.60 10.39 1.84
N GLY D 116 -6.24 11.65 2.12
CA GLY D 116 -6.44 12.68 1.12
C GLY D 116 -6.25 13.99 1.78
N THR D 117 -7.05 14.98 1.42
CA THR D 117 -6.96 16.29 2.12
C THR D 117 -8.38 16.75 2.54
N HIS D 118 -8.41 17.70 3.45
CA HIS D 118 -9.68 18.26 4.03
C HIS D 118 -9.41 19.75 4.19
N GLU D 119 -10.27 20.61 3.72
CA GLU D 119 -10.10 22.06 3.91
C GLU D 119 -11.18 22.56 4.87
N ARG D 120 -10.85 23.54 5.69
CA ARG D 120 -11.81 24.22 6.57
C ARG D 120 -11.56 25.74 6.44
N ALA D 121 -12.53 26.52 6.88
CA ALA D 121 -12.46 27.96 6.88
C ALA D 121 -13.00 28.36 8.24
N VAL D 122 -12.27 29.25 8.89
CA VAL D 122 -12.64 29.83 10.18
C VAL D 122 -13.72 30.82 9.87
N ILE D 123 -14.84 30.74 10.61
CA ILE D 123 -15.98 31.65 10.42
C ILE D 123 -16.32 32.37 11.75
N HIS D 124 -17.10 33.45 11.66
CA HIS D 124 -17.58 34.19 12.82
C HIS D 124 -19.02 33.70 13.05
N LEU D 125 -19.24 33.06 14.16
CA LEU D 125 -20.50 32.34 14.30
C LEU D 125 -21.71 33.19 14.15
N GLU D 126 -21.67 34.42 14.70
CA GLU D 126 -22.89 35.22 14.74
C GLU D 126 -23.28 35.65 13.34
N LYS D 127 -22.28 36.04 12.52
CA LYS D 127 -22.54 36.30 11.13
C LYS D 127 -23.14 35.05 10.46
N PHE D 128 -22.52 33.89 10.67
CA PHE D 128 -22.89 32.71 9.93
C PHE D 128 -24.29 32.33 10.33
N ASN D 129 -24.52 32.27 11.63
CA ASN D 129 -25.89 32.01 12.14
C ASN D 129 -26.99 32.84 11.51
N ALA D 130 -26.77 34.16 11.36
CA ALA D 130 -27.63 35.02 10.56
C ALA D 130 -27.81 34.68 9.10
N LYS D 131 -26.76 34.40 8.33
CA LYS D 131 -27.08 34.03 6.96
C LYS D 131 -27.93 32.74 6.89
N VAL D 132 -27.67 31.80 7.80
CA VAL D 132 -28.37 30.51 7.81
C VAL D 132 -29.88 30.72 8.07
N ARG D 133 -30.19 31.51 9.09
CA ARG D 133 -31.61 31.86 9.40
C ARG D 133 -32.25 32.49 8.16
N GLN D 134 -31.49 33.30 7.42
CA GLN D 134 -32.04 33.94 6.21
C GLN D 134 -32.46 32.94 5.12
N LYS D 135 -32.07 31.69 5.23
CA LYS D 135 -32.42 30.71 4.26
C LYS D 135 -33.59 29.82 4.61
N THR D 136 -33.94 29.65 5.88
CA THR D 136 -35.05 28.75 6.18
C THR D 136 -36.42 29.17 5.54
N PRO D 137 -37.18 28.20 4.97
CA PRO D 137 -38.50 28.69 4.50
C PRO D 137 -39.57 28.72 5.68
CAP ACO E . 19.72 4.17 -6.56
OAP ACO E . 20.69 3.24 -7.15
C9P ACO E . 18.98 3.78 -5.29
O9P ACO E . 19.18 4.45 -4.27
N8P ACO E . 18.16 2.72 -5.33
C7P ACO E . 17.32 2.12 -4.31
C6P ACO E . 17.68 0.64 -4.29
C5P ACO E . 16.78 -0.14 -3.35
O5P ACO E . 15.59 -0.02 -3.23
N4P ACO E . 17.22 -1.07 -2.54
C3P ACO E . 16.16 -1.64 -1.73
C2P ACO E . 16.76 -2.93 -1.26
S1P ACO E . 17.31 -2.78 0.39
C ACO E . 17.69 -4.35 0.39
O ACO E . 16.83 -5.16 0.75
CH3 ACO E . 19.05 -4.60 -0.15
N1A ACO F . 27.00 -29.72 -5.04
C2A ACO F . 25.95 -30.37 -5.59
N3A ACO F . 26.07 -31.21 -6.66
C4A ACO F . 27.26 -31.48 -7.27
C5A ACO F . 28.45 -30.81 -6.71
C6A ACO F . 28.24 -29.89 -5.54
N6A ACO F . 29.30 -29.25 -4.99
N7A ACO F . 29.50 -31.21 -7.47
C8A ACO F . 29.04 -32.07 -8.41
N9A ACO F . 27.70 -32.27 -8.31
C1B ACO F . 26.89 -33.15 -9.26
C2B ACO F . 27.09 -34.69 -9.37
O2B ACO F . 28.34 -35.17 -9.93
C3B ACO F . 25.87 -35.12 -10.20
O3B ACO F . 26.11 -34.93 -11.61
P3B ACO F . 25.68 -35.91 -12.84
O7A ACO F . 25.86 -37.26 -12.17
O8A ACO F . 24.27 -35.48 -13.21
O9A ACO F . 26.62 -35.68 -14.02
C4B ACO F . 24.78 -34.17 -9.62
O4B ACO F . 25.48 -33.01 -9.08
C5B ACO F . 23.51 -33.82 -10.47
O5B ACO F . 23.71 -32.93 -11.60
P1A ACO F . 24.17 -31.37 -11.50
O1A ACO F . 23.82 -30.96 -10.10
O2A ACO F . 23.48 -30.67 -12.65
O3A ACO F . 25.82 -31.35 -11.77
P2A ACO F . 27.05 -30.22 -11.80
O4A ACO F . 27.18 -29.61 -13.19
O5A ACO F . 28.32 -30.84 -11.21
O6A ACO F . 26.72 -28.92 -10.89
CBP ACO F . 24.60 -27.77 -10.56
CCP ACO F . 25.88 -27.87 -11.38
CDP ACO F . 23.50 -26.78 -10.93
CEP ACO F . 24.50 -28.55 -9.24
CAP ACO F . 25.17 -26.53 -9.82
OAP ACO F . 26.58 -26.29 -9.85
C9P ACO F . 24.76 -26.29 -8.41
O9P ACO F . 24.43 -27.10 -7.53
N8P ACO F . 24.79 -24.98 -8.27
C7P ACO F . 24.44 -24.22 -7.12
C6P ACO F . 23.18 -24.91 -6.66
C5P ACO F . 22.23 -23.83 -6.33
O5P ACO F . 22.21 -22.86 -7.07
N4P ACO F . 21.47 -24.02 -5.28
C3P ACO F . 20.47 -23.05 -4.80
C2P ACO F . 20.07 -22.20 -5.96
S1P ACO F . 18.37 -22.57 -6.13
C ACO F . 17.58 -21.15 -6.38
O ACO F . 16.80 -20.88 -5.51
CH3 ACO F . 17.84 -20.33 -7.58
O6A ACO G . -9.82 -4.34 -5.87
CBP ACO G . -11.12 -4.22 -3.72
CCP ACO G . -10.58 -3.51 -4.99
CDP ACO G . -9.93 -4.36 -2.77
CEP ACO G . -11.61 -5.65 -4.03
CAP ACO G . -12.33 -3.38 -3.14
OAP ACO G . -12.85 -2.51 -4.13
C9P ACO G . -12.18 -2.35 -2.05
O9P ACO G . -11.66 -1.24 -2.20
N8P ACO G . -12.75 -2.64 -0.89
C7P ACO G . -12.71 -1.75 0.23
C6P ACO G . -13.17 -0.32 -0.18
C5P ACO G . -14.22 0.10 0.89
O5P ACO G . -14.31 -0.57 1.92
N4P ACO G . -15.11 1.08 0.89
C3P ACO G . -15.97 1.11 2.11
C2P ACO G . -16.91 2.30 1.95
S1P ACO G . -18.53 1.88 2.55
C ACO G . -19.67 2.81 1.77
O ACO G . -20.12 3.79 2.33
CH3 ACO G . -20.09 2.41 0.44
#